data_2BTA
# 
_entry.id   2BTA 
# 
_audit_conform.dict_name       mmcif_pdbx.dic 
_audit_conform.dict_version    5.397 
_audit_conform.dict_location   http://mmcif.pdb.org/dictionaries/ascii/mmcif_pdbx.dic 
# 
loop_
_database_2.database_id 
_database_2.database_code 
_database_2.pdbx_database_accession 
_database_2.pdbx_DOI 
PDB   2BTA         pdb_00002bta 10.2210/pdb2bta/pdb 
WWPDB D_1000177877 ?            ?                   
# 
loop_
_pdbx_audit_revision_history.ordinal 
_pdbx_audit_revision_history.data_content_type 
_pdbx_audit_revision_history.major_revision 
_pdbx_audit_revision_history.minor_revision 
_pdbx_audit_revision_history.revision_date 
1 'Structure model' 1 0 1996-06-10 
2 'Structure model' 1 1 2008-03-24 
3 'Structure model' 1 2 2011-07-13 
4 'Structure model' 1 3 2022-03-09 
5 'Structure model' 1 4 2024-10-30 
# 
_pdbx_audit_revision_details.ordinal             1 
_pdbx_audit_revision_details.revision_ordinal    1 
_pdbx_audit_revision_details.data_content_type   'Structure model' 
_pdbx_audit_revision_details.provider            repository 
_pdbx_audit_revision_details.type                'Initial release' 
_pdbx_audit_revision_details.description         ? 
_pdbx_audit_revision_details.details             ? 
# 
loop_
_pdbx_audit_revision_group.ordinal 
_pdbx_audit_revision_group.revision_ordinal 
_pdbx_audit_revision_group.data_content_type 
_pdbx_audit_revision_group.group 
1 2 'Structure model' 'Version format compliance' 
2 3 'Structure model' 'Version format compliance' 
3 4 'Structure model' 'Database references'       
4 4 'Structure model' 'Derived calculations'      
5 4 'Structure model' Other                       
6 5 'Structure model' 'Data collection'           
7 5 'Structure model' 'Structure summary'         
# 
loop_
_pdbx_audit_revision_category.ordinal 
_pdbx_audit_revision_category.revision_ordinal 
_pdbx_audit_revision_category.data_content_type 
_pdbx_audit_revision_category.category 
1  4 'Structure model' database_2                
2  4 'Structure model' pdbx_database_status      
3  4 'Structure model' pdbx_struct_assembly      
4  4 'Structure model' pdbx_struct_oper_list     
5  4 'Structure model' struct_conn               
6  4 'Structure model' struct_site               
7  5 'Structure model' chem_comp_atom            
8  5 'Structure model' chem_comp_bond            
9  5 'Structure model' pdbx_entry_details        
10 5 'Structure model' pdbx_modification_feature 
# 
loop_
_pdbx_audit_revision_item.ordinal 
_pdbx_audit_revision_item.revision_ordinal 
_pdbx_audit_revision_item.data_content_type 
_pdbx_audit_revision_item.item 
1  4 'Structure model' '_database_2.pdbx_DOI'                
2  4 'Structure model' '_database_2.pdbx_database_accession' 
3  4 'Structure model' '_pdbx_database_status.process_site'  
4  4 'Structure model' '_struct_conn.pdbx_leaving_atom_flag' 
5  4 'Structure model' '_struct_conn.ptnr1_auth_comp_id'     
6  4 'Structure model' '_struct_conn.ptnr1_auth_seq_id'      
7  4 'Structure model' '_struct_conn.ptnr1_label_atom_id'    
8  4 'Structure model' '_struct_conn.ptnr1_label_comp_id'    
9  4 'Structure model' '_struct_conn.ptnr1_label_seq_id'     
10 4 'Structure model' '_struct_conn.ptnr2_auth_comp_id'     
11 4 'Structure model' '_struct_conn.ptnr2_auth_seq_id'      
12 4 'Structure model' '_struct_conn.ptnr2_label_atom_id'    
13 4 'Structure model' '_struct_conn.ptnr2_label_comp_id'    
14 4 'Structure model' '_struct_conn.ptnr2_label_seq_id'     
15 4 'Structure model' '_struct_site.pdbx_auth_asym_id'      
16 4 'Structure model' '_struct_site.pdbx_auth_comp_id'      
17 4 'Structure model' '_struct_site.pdbx_auth_seq_id'       
# 
_pdbx_database_status.status_code                     REL 
_pdbx_database_status.entry_id                        2BTA 
_pdbx_database_status.recvd_initial_deposition_date   1995-11-13 
_pdbx_database_status.deposit_site                    ? 
_pdbx_database_status.process_site                    BNL 
_pdbx_database_status.status_code_sf                  ? 
_pdbx_database_status.status_code_mr                  REL 
_pdbx_database_status.SG_entry                        ? 
_pdbx_database_status.pdb_format_compatible           Y 
_pdbx_database_status.status_code_cs                  ? 
_pdbx_database_status.status_code_nmr_data            ? 
_pdbx_database_status.methods_development_category    ? 
# 
_pdbx_database_related.db_name        PDB 
_pdbx_database_related.db_id          2BTB 
_pdbx_database_related.details        . 
_pdbx_database_related.content_type   ensemble 
# 
loop_
_audit_author.name 
_audit_author.pdbx_ordinal 
'Schneider, M.L.' 1 
'Post, C.B.'      2 
# 
_citation.id                        primary 
_citation.title                     
;Solution structure of a band 3 peptide inhibitor bound to aldolase: a proposed mechanism for regulating binding by tyrosine phosphorylation.
;
_citation.journal_abbrev            Biochemistry 
_citation.journal_volume            34 
_citation.page_first                16574 
_citation.page_last                 16584 
_citation.year                      1995 
_citation.journal_id_ASTM           BICHAW 
_citation.country                   US 
_citation.journal_id_ISSN           0006-2960 
_citation.journal_id_CSD            0033 
_citation.book_publisher            ? 
_citation.pdbx_database_id_PubMed   8527430 
_citation.pdbx_database_id_DOI      10.1021/bi00051a005 
# 
loop_
_citation_author.citation_id 
_citation_author.name 
_citation_author.ordinal 
_citation_author.identifier_ORCID 
primary 'Schneider, M.L.' 1 ? 
primary 'Post, C.B.'      2 ? 
# 
_entity.id                         1 
_entity.type                       polymer 
_entity.src_method                 man 
_entity.pdbx_description           'BAND 3 PEPTIDE' 
_entity.formula_weight             1919.006 
_entity.pdbx_number_of_molecules   1 
_entity.pdbx_ec                    ? 
_entity.pdbx_mutation              ? 
_entity.pdbx_fragment              ? 
_entity.details                    'C-TERMINAL AMIDATION, NON-ACETYLATED N-TERMINUS' 
# 
_entity_name_com.entity_id   1 
_entity_name_com.name        B3P 
# 
_entity_poly.entity_id                      1 
_entity_poly.type                           'polypeptide(L)' 
_entity_poly.nstd_linkage                   no 
_entity_poly.nstd_monomer                   yes 
_entity_poly.pdbx_seq_one_letter_code       'MEELQDDYEDMMEEN(NH2)' 
_entity_poly.pdbx_seq_one_letter_code_can   MEELQDDYEDMMEENX 
_entity_poly.pdbx_strand_id                 A 
_entity_poly.pdbx_target_identifier         ? 
# 
loop_
_entity_poly_seq.entity_id 
_entity_poly_seq.num 
_entity_poly_seq.mon_id 
_entity_poly_seq.hetero 
1 1  MET n 
1 2  GLU n 
1 3  GLU n 
1 4  LEU n 
1 5  GLN n 
1 6  ASP n 
1 7  ASP n 
1 8  TYR n 
1 9  GLU n 
1 10 ASP n 
1 11 MET n 
1 12 MET n 
1 13 GLU n 
1 14 GLU n 
1 15 ASN n 
1 16 NH2 n 
# 
_entity_src_gen.entity_id                          1 
_entity_src_gen.pdbx_src_id                        1 
_entity_src_gen.pdbx_alt_source_flag               sample 
_entity_src_gen.pdbx_seq_type                      ? 
_entity_src_gen.pdbx_beg_seq_num                   ? 
_entity_src_gen.pdbx_end_seq_num                   ? 
_entity_src_gen.gene_src_common_name               human 
_entity_src_gen.gene_src_genus                     Homo 
_entity_src_gen.pdbx_gene_src_gene                 ? 
_entity_src_gen.gene_src_species                   ? 
_entity_src_gen.gene_src_strain                    ? 
_entity_src_gen.gene_src_tissue                    ? 
_entity_src_gen.gene_src_tissue_fraction           ? 
_entity_src_gen.gene_src_details                   ? 
_entity_src_gen.pdbx_gene_src_fragment             ? 
_entity_src_gen.pdbx_gene_src_scientific_name      'Homo sapiens' 
_entity_src_gen.pdbx_gene_src_ncbi_taxonomy_id     9606 
_entity_src_gen.pdbx_gene_src_variant              ? 
_entity_src_gen.pdbx_gene_src_cell_line            ? 
_entity_src_gen.pdbx_gene_src_atcc                 ? 
_entity_src_gen.pdbx_gene_src_organ                ? 
_entity_src_gen.pdbx_gene_src_organelle            ? 
_entity_src_gen.pdbx_gene_src_cell                 ERYTHROCYTE 
_entity_src_gen.pdbx_gene_src_cellular_location    ? 
_entity_src_gen.host_org_common_name               ? 
_entity_src_gen.pdbx_host_org_scientific_name      ? 
_entity_src_gen.pdbx_host_org_ncbi_taxonomy_id     ? 
_entity_src_gen.host_org_genus                     ? 
_entity_src_gen.pdbx_host_org_gene                 ? 
_entity_src_gen.pdbx_host_org_organ                ? 
_entity_src_gen.host_org_species                   ? 
_entity_src_gen.pdbx_host_org_tissue               ? 
_entity_src_gen.pdbx_host_org_tissue_fraction      ? 
_entity_src_gen.pdbx_host_org_strain               ? 
_entity_src_gen.pdbx_host_org_variant              ? 
_entity_src_gen.pdbx_host_org_cell_line            ? 
_entity_src_gen.pdbx_host_org_atcc                 ? 
_entity_src_gen.pdbx_host_org_culture_collection   ? 
_entity_src_gen.pdbx_host_org_cell                 ? 
_entity_src_gen.pdbx_host_org_organelle            ? 
_entity_src_gen.pdbx_host_org_cellular_location    ? 
_entity_src_gen.pdbx_host_org_vector_type          ? 
_entity_src_gen.pdbx_host_org_vector               ? 
_entity_src_gen.host_org_details                   ? 
_entity_src_gen.expression_system_id               ? 
_entity_src_gen.plasmid_name                       ? 
_entity_src_gen.plasmid_details                    ? 
_entity_src_gen.pdbx_description                   ? 
# 
loop_
_chem_comp.id 
_chem_comp.type 
_chem_comp.mon_nstd_flag 
_chem_comp.name 
_chem_comp.pdbx_synonyms 
_chem_comp.formula 
_chem_comp.formula_weight 
ASN 'L-peptide linking' y ASPARAGINE      ? 'C4 H8 N2 O3'   132.118 
ASP 'L-peptide linking' y 'ASPARTIC ACID' ? 'C4 H7 N O4'    133.103 
GLN 'L-peptide linking' y GLUTAMINE       ? 'C5 H10 N2 O3'  146.144 
GLU 'L-peptide linking' y 'GLUTAMIC ACID' ? 'C5 H9 N O4'    147.129 
LEU 'L-peptide linking' y LEUCINE         ? 'C6 H13 N O2'   131.173 
MET 'L-peptide linking' y METHIONINE      ? 'C5 H11 N O2 S' 149.211 
NH2 non-polymer         . 'AMINO GROUP'   ? 'H2 N'          16.023  
TYR 'L-peptide linking' y TYROSINE        ? 'C9 H11 N O3'   181.189 
# 
loop_
_pdbx_poly_seq_scheme.asym_id 
_pdbx_poly_seq_scheme.entity_id 
_pdbx_poly_seq_scheme.seq_id 
_pdbx_poly_seq_scheme.mon_id 
_pdbx_poly_seq_scheme.ndb_seq_num 
_pdbx_poly_seq_scheme.pdb_seq_num 
_pdbx_poly_seq_scheme.auth_seq_num 
_pdbx_poly_seq_scheme.pdb_mon_id 
_pdbx_poly_seq_scheme.auth_mon_id 
_pdbx_poly_seq_scheme.pdb_strand_id 
_pdbx_poly_seq_scheme.pdb_ins_code 
_pdbx_poly_seq_scheme.hetero 
A 1 1  MET 1  1  1  MET MET A . n 
A 1 2  GLU 2  2  2  GLU GLU A . n 
A 1 3  GLU 3  3  3  GLU GLU A . n 
A 1 4  LEU 4  4  4  LEU LEU A . n 
A 1 5  GLN 5  5  5  GLN GLN A . n 
A 1 6  ASP 6  6  6  ASP ASP A . n 
A 1 7  ASP 7  7  7  ASP ASP A . n 
A 1 8  TYR 8  8  8  TYR TYR A . n 
A 1 9  GLU 9  9  9  GLU GLU A . n 
A 1 10 ASP 10 10 10 ASP ASP A . n 
A 1 11 MET 11 11 11 MET MET A . n 
A 1 12 MET 12 12 12 MET MET A . n 
A 1 13 GLU 13 13 13 GLU GLU A . n 
A 1 14 GLU 14 14 14 GLU GLU A . n 
A 1 15 ASN 15 15 15 ASN ASN A . n 
A 1 16 NH2 16 16 16 NH2 NH2 A . n 
# 
loop_
_software.name 
_software.classification 
_software.version 
_software.citation_id 
_software.pdbx_ordinal 
X-PLOR 'model building' 3.1 ? 1 
X-PLOR refinement       3.1 ? 2 
X-PLOR phasing          3.1 ? 3 
# 
_cell.entry_id           2BTA 
_cell.length_a           1.000 
_cell.length_b           1.000 
_cell.length_c           1.000 
_cell.angle_alpha        90.00 
_cell.angle_beta         90.00 
_cell.angle_gamma        90.00 
_cell.Z_PDB              1 
_cell.pdbx_unique_axis   ? 
# 
_symmetry.entry_id                         2BTA 
_symmetry.space_group_name_H-M             'P 1' 
_symmetry.pdbx_full_space_group_name_H-M   ? 
_symmetry.cell_setting                     ? 
_symmetry.Int_Tables_number                1 
# 
_exptl.entry_id          2BTA 
_exptl.method            'SOLUTION NMR' 
_exptl.crystals_number   ? 
# 
_struct.entry_id                  2BTA 
_struct.title                     'NMR STUDY OF N-TERMINAL HUMAN BAND 3 PEPTIDE, RESIDUES 1-15' 
_struct.pdbx_model_details        ? 
_struct.pdbx_CASP_flag            ? 
_struct.pdbx_model_type_details   ? 
# 
_struct_keywords.entry_id        2BTA 
_struct_keywords.pdbx_keywords   'ANION EXCHANGE' 
_struct_keywords.text            'ANION EXCHANGE, PHOSPHORYLATION, LIPOPROTEIN' 
# 
_struct_asym.id                            A 
_struct_asym.pdbx_blank_PDB_chainid_flag   Y 
_struct_asym.pdbx_modified                 N 
_struct_asym.entity_id                     1 
_struct_asym.details                       ? 
# 
_struct_ref.id                         1 
_struct_ref.db_name                    UNP 
_struct_ref.db_code                    B3AT_HUMAN 
_struct_ref.entity_id                  1 
_struct_ref.pdbx_db_accession          P02730 
_struct_ref.pdbx_align_begin           1 
_struct_ref.pdbx_seq_one_letter_code   
;MEELQDDYEDMMEENLEQEEYEDPDIPESQMEEPAAHDTEATATDYHTTSHPGTHKVYVELQELVMDEKNQELRWMEAAR
WVQLEENLGENGAWGRPHLSHLTFWSLLELRRVFTKGTVLLDLQETSLAGVANQLLDRFIFEDQIRPQDREELLRALLLK
HSHAGELEALGGVKPAVLTRSGDPSQPLLPQHSSLETQLFCEQGDGGTEGHSPSGILEKIPPDSEATLVLVGRADFLEQP
VLGFVRLQEAAELEAVELPVPIRFLFVLLGPEAPHIDYTQLGRAAATLMSERVFRIDAYMAQSRGELLHSLEGFLDCSLV
LPPTDAPSEQALLSLVPVQRELLRRRYQSSPAKPDSSFYKGLDLNGGPDDPLQQTGQLFGGLVRDIRRRYPYYLSDITDA
FSPQVLAAVIFIYFAALSPAITFGGLLGEKTRNQMGVSELLISTAVQGILFALLGAQPLLVVGFSGPLLVFEEAFFSFCE
TNGLEYIVGRVWIGFWLILLVVLVVAFEGSFLVRFISRYTQEIFSFLISLIFIYETFSKLIKIFQDHPLQKTYNYNVLMV
PKPQGPLPNTALLSLVLMAGTFFFAMMLRKFKNSSYFPGKLRRVIGDFGVPISILIMVLVDFFIQDTYTQKLSVPDGFKV
SNSSARGWVIHPLGLRSEFPIWMMFASALPALLVFILIFLESQITTLIVSKPERKMVKGSGFHLDLLLVVGMGGVAALFG
MPWLSATTVRSVTHANALTVMGKASTPGAAAQIQEVKEQRISGLLVAVLVGLSILMEPILSRIPLAVLFGIFLYMGVTSL
SGIQLFDRILLLFKPPKYHPDVPYVKRVKTWRMHLFTGIQIICLAVLWVVKSTPASLALPFVLILTVPLRRVLLPLIFRN
VELQCLDADDAKATFDEEEGRDEYDEVAMPV
;
_struct_ref.pdbx_db_isoform            ? 
# 
_struct_ref_seq.align_id                      1 
_struct_ref_seq.ref_id                        1 
_struct_ref_seq.pdbx_PDB_id_code              2BTA 
_struct_ref_seq.pdbx_strand_id                A 
_struct_ref_seq.seq_align_beg                 1 
_struct_ref_seq.pdbx_seq_align_beg_ins_code   ? 
_struct_ref_seq.seq_align_end                 15 
_struct_ref_seq.pdbx_seq_align_end_ins_code   ? 
_struct_ref_seq.pdbx_db_accession             P02730 
_struct_ref_seq.db_align_beg                  1 
_struct_ref_seq.pdbx_db_align_beg_ins_code    ? 
_struct_ref_seq.db_align_end                  15 
_struct_ref_seq.pdbx_db_align_end_ins_code    ? 
_struct_ref_seq.pdbx_auth_seq_align_beg       1 
_struct_ref_seq.pdbx_auth_seq_align_end       15 
# 
_pdbx_struct_assembly.id                   1 
_pdbx_struct_assembly.details              author_defined_assembly 
_pdbx_struct_assembly.method_details       ? 
_pdbx_struct_assembly.oligomeric_details   monomeric 
_pdbx_struct_assembly.oligomeric_count     1 
# 
_pdbx_struct_assembly_gen.assembly_id       1 
_pdbx_struct_assembly_gen.oper_expression   1 
_pdbx_struct_assembly_gen.asym_id_list      A 
# 
_pdbx_struct_oper_list.id                   1 
_pdbx_struct_oper_list.type                 'identity operation' 
_pdbx_struct_oper_list.name                 1_555 
_pdbx_struct_oper_list.symmetry_operation   x,y,z 
_pdbx_struct_oper_list.matrix[1][1]         1.0000000000 
_pdbx_struct_oper_list.matrix[1][2]         0.0000000000 
_pdbx_struct_oper_list.matrix[1][3]         0.0000000000 
_pdbx_struct_oper_list.vector[1]            0.0000000000 
_pdbx_struct_oper_list.matrix[2][1]         0.0000000000 
_pdbx_struct_oper_list.matrix[2][2]         1.0000000000 
_pdbx_struct_oper_list.matrix[2][3]         0.0000000000 
_pdbx_struct_oper_list.vector[2]            0.0000000000 
_pdbx_struct_oper_list.matrix[3][1]         0.0000000000 
_pdbx_struct_oper_list.matrix[3][2]         0.0000000000 
_pdbx_struct_oper_list.matrix[3][3]         1.0000000000 
_pdbx_struct_oper_list.vector[3]            0.0000000000 
# 
_struct_biol.id   1 
# 
_struct_conn.id                            covale1 
_struct_conn.conn_type_id                  covale 
_struct_conn.pdbx_leaving_atom_flag        both 
_struct_conn.pdbx_PDB_id                   ? 
_struct_conn.ptnr1_label_asym_id           A 
_struct_conn.ptnr1_label_comp_id           ASN 
_struct_conn.ptnr1_label_seq_id            15 
_struct_conn.ptnr1_label_atom_id           C 
_struct_conn.pdbx_ptnr1_label_alt_id       ? 
_struct_conn.pdbx_ptnr1_PDB_ins_code       ? 
_struct_conn.pdbx_ptnr1_standard_comp_id   ? 
_struct_conn.ptnr1_symmetry                1_555 
_struct_conn.ptnr2_label_asym_id           A 
_struct_conn.ptnr2_label_comp_id           NH2 
_struct_conn.ptnr2_label_seq_id            16 
_struct_conn.ptnr2_label_atom_id           N 
_struct_conn.pdbx_ptnr2_label_alt_id       ? 
_struct_conn.pdbx_ptnr2_PDB_ins_code       ? 
_struct_conn.ptnr1_auth_asym_id            A 
_struct_conn.ptnr1_auth_comp_id            ASN 
_struct_conn.ptnr1_auth_seq_id             15 
_struct_conn.ptnr2_auth_asym_id            A 
_struct_conn.ptnr2_auth_comp_id            NH2 
_struct_conn.ptnr2_auth_seq_id             16 
_struct_conn.ptnr2_symmetry                1_555 
_struct_conn.pdbx_ptnr3_label_atom_id      ? 
_struct_conn.pdbx_ptnr3_label_seq_id       ? 
_struct_conn.pdbx_ptnr3_label_comp_id      ? 
_struct_conn.pdbx_ptnr3_label_asym_id      ? 
_struct_conn.pdbx_ptnr3_label_alt_id       ? 
_struct_conn.pdbx_ptnr3_PDB_ins_code       ? 
_struct_conn.details                       ? 
_struct_conn.pdbx_dist_value               1.354 
_struct_conn.pdbx_value_order              ? 
_struct_conn.pdbx_role                     ? 
# 
_struct_conn_type.id          covale 
_struct_conn_type.criteria    ? 
_struct_conn_type.reference   ? 
# 
_pdbx_modification_feature.ordinal                            1 
_pdbx_modification_feature.label_comp_id                      NH2 
_pdbx_modification_feature.label_asym_id                      A 
_pdbx_modification_feature.label_seq_id                       16 
_pdbx_modification_feature.label_alt_id                       ? 
_pdbx_modification_feature.modified_residue_label_comp_id     ASN 
_pdbx_modification_feature.modified_residue_label_asym_id     A 
_pdbx_modification_feature.modified_residue_label_seq_id      15 
_pdbx_modification_feature.modified_residue_label_alt_id      ? 
_pdbx_modification_feature.auth_comp_id                       NH2 
_pdbx_modification_feature.auth_asym_id                       A 
_pdbx_modification_feature.auth_seq_id                        16 
_pdbx_modification_feature.PDB_ins_code                       ? 
_pdbx_modification_feature.symmetry                           1_555 
_pdbx_modification_feature.modified_residue_auth_comp_id      ASN 
_pdbx_modification_feature.modified_residue_auth_asym_id      A 
_pdbx_modification_feature.modified_residue_auth_seq_id       15 
_pdbx_modification_feature.modified_residue_PDB_ins_code      ? 
_pdbx_modification_feature.modified_residue_symmetry          1_555 
_pdbx_modification_feature.comp_id_linking_atom               . 
_pdbx_modification_feature.modified_residue_id_linking_atom   . 
_pdbx_modification_feature.modified_residue_id                ASN 
_pdbx_modification_feature.ref_pcm_id                         17 
_pdbx_modification_feature.ref_comp_id                        NH2 
_pdbx_modification_feature.type                               None 
_pdbx_modification_feature.category                           'Terminal amidation' 
# 
_struct_site.id                   AC1 
_struct_site.pdbx_evidence_code   Software 
_struct_site.pdbx_auth_asym_id    A 
_struct_site.pdbx_auth_comp_id    NH2 
_struct_site.pdbx_auth_seq_id     16 
_struct_site.pdbx_auth_ins_code   ? 
_struct_site.pdbx_num_residues    2 
_struct_site.details              'BINDING SITE FOR RESIDUE NH2 A 16' 
# 
loop_
_struct_site_gen.id 
_struct_site_gen.site_id 
_struct_site_gen.pdbx_num_res 
_struct_site_gen.label_comp_id 
_struct_site_gen.label_asym_id 
_struct_site_gen.label_seq_id 
_struct_site_gen.pdbx_auth_ins_code 
_struct_site_gen.auth_comp_id 
_struct_site_gen.auth_asym_id 
_struct_site_gen.auth_seq_id 
_struct_site_gen.label_atom_id 
_struct_site_gen.label_alt_id 
_struct_site_gen.symmetry 
_struct_site_gen.details 
1 AC1 2 GLU A 14 ? GLU A 14 . ? 1_555 ? 
2 AC1 2 ASN A 15 ? ASN A 15 . ? 1_555 ? 
# 
_pdbx_entry_details.entry_id                   2BTA 
_pdbx_entry_details.compound_details           ? 
_pdbx_entry_details.source_details             ? 
_pdbx_entry_details.nonpolymer_details         ? 
_pdbx_entry_details.sequence_details           ? 
_pdbx_entry_details.has_ligand_of_interest     ? 
_pdbx_entry_details.has_protein_modification   Y 
# 
loop_
_pdbx_validate_torsion.id 
_pdbx_validate_torsion.PDB_model_num 
_pdbx_validate_torsion.auth_comp_id 
_pdbx_validate_torsion.auth_asym_id 
_pdbx_validate_torsion.auth_seq_id 
_pdbx_validate_torsion.PDB_ins_code 
_pdbx_validate_torsion.label_alt_id 
_pdbx_validate_torsion.phi 
_pdbx_validate_torsion.psi 
1 1 LEU A 4  ? ? -69.86  96.39   
2 1 GLN A 5  ? ? -97.13  -143.60 
3 1 ASP A 7  ? ? -104.69 53.40   
4 1 ASP A 10 ? ? -65.15  48.19   
5 1 MET A 11 ? ? -142.69 34.22   
# 
loop_
_pdbx_validate_peptide_omega.id 
_pdbx_validate_peptide_omega.PDB_model_num 
_pdbx_validate_peptide_omega.auth_comp_id_1 
_pdbx_validate_peptide_omega.auth_asym_id_1 
_pdbx_validate_peptide_omega.auth_seq_id_1 
_pdbx_validate_peptide_omega.PDB_ins_code_1 
_pdbx_validate_peptide_omega.label_alt_id_1 
_pdbx_validate_peptide_omega.auth_comp_id_2 
_pdbx_validate_peptide_omega.auth_asym_id_2 
_pdbx_validate_peptide_omega.auth_seq_id_2 
_pdbx_validate_peptide_omega.PDB_ins_code_2 
_pdbx_validate_peptide_omega.label_alt_id_2 
_pdbx_validate_peptide_omega.omega 
1 1 GLN A 5 ? ? ASP A 6 ? ? -146.04 
2 1 TYR A 8 ? ? GLU A 9 ? ? 142.14  
# 
_pdbx_nmr_ensemble.entry_id                             2BTA 
_pdbx_nmr_ensemble.conformers_calculated_total_number   ? 
_pdbx_nmr_ensemble.conformers_submitted_total_number    1 
_pdbx_nmr_ensemble.conformer_selection_criteria         ? 
# 
_pdbx_nmr_software.classification   refinement 
_pdbx_nmr_software.name             CHARMM 
_pdbx_nmr_software.version          23 
_pdbx_nmr_software.authors          BROOKS 
_pdbx_nmr_software.ordinal          1 
# 
loop_
_chem_comp_atom.comp_id 
_chem_comp_atom.atom_id 
_chem_comp_atom.type_symbol 
_chem_comp_atom.pdbx_aromatic_flag 
_chem_comp_atom.pdbx_stereo_config 
_chem_comp_atom.pdbx_ordinal 
ASN N    N N N 1   
ASN CA   C N S 2   
ASN C    C N N 3   
ASN O    O N N 4   
ASN CB   C N N 5   
ASN CG   C N N 6   
ASN OD1  O N N 7   
ASN ND2  N N N 8   
ASN OXT  O N N 9   
ASN H    H N N 10  
ASN H2   H N N 11  
ASN HA   H N N 12  
ASN HB2  H N N 13  
ASN HB3  H N N 14  
ASN HD21 H N N 15  
ASN HD22 H N N 16  
ASN HXT  H N N 17  
ASP N    N N N 18  
ASP CA   C N S 19  
ASP C    C N N 20  
ASP O    O N N 21  
ASP CB   C N N 22  
ASP CG   C N N 23  
ASP OD1  O N N 24  
ASP OD2  O N N 25  
ASP OXT  O N N 26  
ASP H    H N N 27  
ASP H2   H N N 28  
ASP HA   H N N 29  
ASP HB2  H N N 30  
ASP HB3  H N N 31  
ASP HD2  H N N 32  
ASP HXT  H N N 33  
GLN N    N N N 34  
GLN CA   C N S 35  
GLN C    C N N 36  
GLN O    O N N 37  
GLN CB   C N N 38  
GLN CG   C N N 39  
GLN CD   C N N 40  
GLN OE1  O N N 41  
GLN NE2  N N N 42  
GLN OXT  O N N 43  
GLN H    H N N 44  
GLN H2   H N N 45  
GLN HA   H N N 46  
GLN HB2  H N N 47  
GLN HB3  H N N 48  
GLN HG2  H N N 49  
GLN HG3  H N N 50  
GLN HE21 H N N 51  
GLN HE22 H N N 52  
GLN HXT  H N N 53  
GLU N    N N N 54  
GLU CA   C N S 55  
GLU C    C N N 56  
GLU O    O N N 57  
GLU CB   C N N 58  
GLU CG   C N N 59  
GLU CD   C N N 60  
GLU OE1  O N N 61  
GLU OE2  O N N 62  
GLU OXT  O N N 63  
GLU H    H N N 64  
GLU H2   H N N 65  
GLU HA   H N N 66  
GLU HB2  H N N 67  
GLU HB3  H N N 68  
GLU HG2  H N N 69  
GLU HG3  H N N 70  
GLU HE2  H N N 71  
GLU HXT  H N N 72  
LEU N    N N N 73  
LEU CA   C N S 74  
LEU C    C N N 75  
LEU O    O N N 76  
LEU CB   C N N 77  
LEU CG   C N N 78  
LEU CD1  C N N 79  
LEU CD2  C N N 80  
LEU OXT  O N N 81  
LEU H    H N N 82  
LEU H2   H N N 83  
LEU HA   H N N 84  
LEU HB2  H N N 85  
LEU HB3  H N N 86  
LEU HG   H N N 87  
LEU HD11 H N N 88  
LEU HD12 H N N 89  
LEU HD13 H N N 90  
LEU HD21 H N N 91  
LEU HD22 H N N 92  
LEU HD23 H N N 93  
LEU HXT  H N N 94  
MET N    N N N 95  
MET CA   C N S 96  
MET C    C N N 97  
MET O    O N N 98  
MET CB   C N N 99  
MET CG   C N N 100 
MET SD   S N N 101 
MET CE   C N N 102 
MET OXT  O N N 103 
MET H    H N N 104 
MET H2   H N N 105 
MET HA   H N N 106 
MET HB2  H N N 107 
MET HB3  H N N 108 
MET HG2  H N N 109 
MET HG3  H N N 110 
MET HE1  H N N 111 
MET HE2  H N N 112 
MET HE3  H N N 113 
MET HXT  H N N 114 
NH2 N    N N N 115 
NH2 HN1  H N N 116 
NH2 HN2  H N N 117 
TYR N    N N N 118 
TYR CA   C N S 119 
TYR C    C N N 120 
TYR O    O N N 121 
TYR CB   C N N 122 
TYR CG   C Y N 123 
TYR CD1  C Y N 124 
TYR CD2  C Y N 125 
TYR CE1  C Y N 126 
TYR CE2  C Y N 127 
TYR CZ   C Y N 128 
TYR OH   O N N 129 
TYR OXT  O N N 130 
TYR H    H N N 131 
TYR H2   H N N 132 
TYR HA   H N N 133 
TYR HB2  H N N 134 
TYR HB3  H N N 135 
TYR HD1  H N N 136 
TYR HD2  H N N 137 
TYR HE1  H N N 138 
TYR HE2  H N N 139 
TYR HH   H N N 140 
TYR HXT  H N N 141 
# 
loop_
_chem_comp_bond.comp_id 
_chem_comp_bond.atom_id_1 
_chem_comp_bond.atom_id_2 
_chem_comp_bond.value_order 
_chem_comp_bond.pdbx_aromatic_flag 
_chem_comp_bond.pdbx_stereo_config 
_chem_comp_bond.pdbx_ordinal 
ASN N   CA   sing N N 1   
ASN N   H    sing N N 2   
ASN N   H2   sing N N 3   
ASN CA  C    sing N N 4   
ASN CA  CB   sing N N 5   
ASN CA  HA   sing N N 6   
ASN C   O    doub N N 7   
ASN C   OXT  sing N N 8   
ASN CB  CG   sing N N 9   
ASN CB  HB2  sing N N 10  
ASN CB  HB3  sing N N 11  
ASN CG  OD1  doub N N 12  
ASN CG  ND2  sing N N 13  
ASN ND2 HD21 sing N N 14  
ASN ND2 HD22 sing N N 15  
ASN OXT HXT  sing N N 16  
ASP N   CA   sing N N 17  
ASP N   H    sing N N 18  
ASP N   H2   sing N N 19  
ASP CA  C    sing N N 20  
ASP CA  CB   sing N N 21  
ASP CA  HA   sing N N 22  
ASP C   O    doub N N 23  
ASP C   OXT  sing N N 24  
ASP CB  CG   sing N N 25  
ASP CB  HB2  sing N N 26  
ASP CB  HB3  sing N N 27  
ASP CG  OD1  doub N N 28  
ASP CG  OD2  sing N N 29  
ASP OD2 HD2  sing N N 30  
ASP OXT HXT  sing N N 31  
GLN N   CA   sing N N 32  
GLN N   H    sing N N 33  
GLN N   H2   sing N N 34  
GLN CA  C    sing N N 35  
GLN CA  CB   sing N N 36  
GLN CA  HA   sing N N 37  
GLN C   O    doub N N 38  
GLN C   OXT  sing N N 39  
GLN CB  CG   sing N N 40  
GLN CB  HB2  sing N N 41  
GLN CB  HB3  sing N N 42  
GLN CG  CD   sing N N 43  
GLN CG  HG2  sing N N 44  
GLN CG  HG3  sing N N 45  
GLN CD  OE1  doub N N 46  
GLN CD  NE2  sing N N 47  
GLN NE2 HE21 sing N N 48  
GLN NE2 HE22 sing N N 49  
GLN OXT HXT  sing N N 50  
GLU N   CA   sing N N 51  
GLU N   H    sing N N 52  
GLU N   H2   sing N N 53  
GLU CA  C    sing N N 54  
GLU CA  CB   sing N N 55  
GLU CA  HA   sing N N 56  
GLU C   O    doub N N 57  
GLU C   OXT  sing N N 58  
GLU CB  CG   sing N N 59  
GLU CB  HB2  sing N N 60  
GLU CB  HB3  sing N N 61  
GLU CG  CD   sing N N 62  
GLU CG  HG2  sing N N 63  
GLU CG  HG3  sing N N 64  
GLU CD  OE1  doub N N 65  
GLU CD  OE2  sing N N 66  
GLU OE2 HE2  sing N N 67  
GLU OXT HXT  sing N N 68  
LEU N   CA   sing N N 69  
LEU N   H    sing N N 70  
LEU N   H2   sing N N 71  
LEU CA  C    sing N N 72  
LEU CA  CB   sing N N 73  
LEU CA  HA   sing N N 74  
LEU C   O    doub N N 75  
LEU C   OXT  sing N N 76  
LEU CB  CG   sing N N 77  
LEU CB  HB2  sing N N 78  
LEU CB  HB3  sing N N 79  
LEU CG  CD1  sing N N 80  
LEU CG  CD2  sing N N 81  
LEU CG  HG   sing N N 82  
LEU CD1 HD11 sing N N 83  
LEU CD1 HD12 sing N N 84  
LEU CD1 HD13 sing N N 85  
LEU CD2 HD21 sing N N 86  
LEU CD2 HD22 sing N N 87  
LEU CD2 HD23 sing N N 88  
LEU OXT HXT  sing N N 89  
MET N   CA   sing N N 90  
MET N   H    sing N N 91  
MET N   H2   sing N N 92  
MET CA  C    sing N N 93  
MET CA  CB   sing N N 94  
MET CA  HA   sing N N 95  
MET C   O    doub N N 96  
MET C   OXT  sing N N 97  
MET CB  CG   sing N N 98  
MET CB  HB2  sing N N 99  
MET CB  HB3  sing N N 100 
MET CG  SD   sing N N 101 
MET CG  HG2  sing N N 102 
MET CG  HG3  sing N N 103 
MET SD  CE   sing N N 104 
MET CE  HE1  sing N N 105 
MET CE  HE2  sing N N 106 
MET CE  HE3  sing N N 107 
MET OXT HXT  sing N N 108 
NH2 N   HN1  sing N N 109 
NH2 N   HN2  sing N N 110 
TYR N   CA   sing N N 111 
TYR N   H    sing N N 112 
TYR N   H2   sing N N 113 
TYR CA  C    sing N N 114 
TYR CA  CB   sing N N 115 
TYR CA  HA   sing N N 116 
TYR C   O    doub N N 117 
TYR C   OXT  sing N N 118 
TYR CB  CG   sing N N 119 
TYR CB  HB2  sing N N 120 
TYR CB  HB3  sing N N 121 
TYR CG  CD1  doub Y N 122 
TYR CG  CD2  sing Y N 123 
TYR CD1 CE1  sing Y N 124 
TYR CD1 HD1  sing N N 125 
TYR CD2 CE2  doub Y N 126 
TYR CD2 HD2  sing N N 127 
TYR CE1 CZ   doub Y N 128 
TYR CE1 HE1  sing N N 129 
TYR CE2 CZ   sing Y N 130 
TYR CE2 HE2  sing N N 131 
TYR CZ  OH   sing N N 132 
TYR OH  HH   sing N N 133 
TYR OXT HXT  sing N N 134 
# 
_atom_sites.entry_id                    2BTA 
_atom_sites.fract_transf_matrix[1][1]   1.000000 
_atom_sites.fract_transf_matrix[1][2]   0.000000 
_atom_sites.fract_transf_matrix[1][3]   0.000000 
_atom_sites.fract_transf_matrix[2][1]   0.000000 
_atom_sites.fract_transf_matrix[2][2]   1.000000 
_atom_sites.fract_transf_matrix[2][3]   0.000000 
_atom_sites.fract_transf_matrix[3][1]   0.000000 
_atom_sites.fract_transf_matrix[3][2]   0.000000 
_atom_sites.fract_transf_matrix[3][3]   1.000000 
_atom_sites.fract_transf_vector[1]      0.00000 
_atom_sites.fract_transf_vector[2]      0.00000 
_atom_sites.fract_transf_vector[3]      0.00000 
# 
loop_
_atom_type.symbol 
C 
H 
N 
O 
S 
# 
loop_
_atom_site.group_PDB 
_atom_site.id 
_atom_site.type_symbol 
_atom_site.label_atom_id 
_atom_site.label_alt_id 
_atom_site.label_comp_id 
_atom_site.label_asym_id 
_atom_site.label_entity_id 
_atom_site.label_seq_id 
_atom_site.pdbx_PDB_ins_code 
_atom_site.Cartn_x 
_atom_site.Cartn_y 
_atom_site.Cartn_z 
_atom_site.occupancy 
_atom_site.B_iso_or_equiv 
_atom_site.pdbx_formal_charge 
_atom_site.auth_seq_id 
_atom_site.auth_comp_id 
_atom_site.auth_asym_id 
_atom_site.auth_atom_id 
_atom_site.pdbx_PDB_model_num 
ATOM   1   N N    . MET A 1 1  ? 5.035  -8.586  7.390  1.00 0.00 ? 1  MET A N    1 
ATOM   2   C CA   . MET A 1 1  ? 5.624  -9.672  6.543  1.00 0.00 ? 1  MET A CA   1 
ATOM   3   C C    . MET A 1 1  ? 5.029  -9.737  5.152  1.00 0.00 ? 1  MET A C    1 
ATOM   4   O O    . MET A 1 1  ? 5.723  -10.008 4.177  1.00 0.00 ? 1  MET A O    1 
ATOM   5   C CB   . MET A 1 1  ? 5.545  -11.035 7.283  1.00 0.00 ? 1  MET A CB   1 
ATOM   6   C CG   . MET A 1 1  ? 4.162  -11.454 7.818  1.00 0.00 ? 1  MET A CG   1 
ATOM   7   S SD   . MET A 1 1  ? 4.162  -13.172 8.402  1.00 0.00 ? 1  MET A SD   1 
ATOM   8   C CE   . MET A 1 1  ? 2.542  -13.050 9.205  1.00 0.00 ? 1  MET A CE   1 
ATOM   9   H H1   . MET A 1 1  ? 5.163  -7.661  6.937  1.00 0.00 ? 1  MET A H1   1 
ATOM   10  H H2   . MET A 1 1  ? 3.988  -8.712  7.489  1.00 0.00 ? 1  MET A H2   1 
ATOM   11  H H3   . MET A 1 1  ? 5.474  -8.595  8.337  1.00 0.00 ? 1  MET A H3   1 
ATOM   12  H HA   . MET A 1 1  ? 6.670  -9.432  6.393  1.00 0.00 ? 1  MET A HA   1 
ATOM   13  H HB2  . MET A 1 1  ? 5.920  -11.830 6.596  1.00 0.00 ? 1  MET A HB2  1 
ATOM   14  H HB3  . MET A 1 1  ? 6.248  -11.012 8.149  1.00 0.00 ? 1  MET A HB3  1 
ATOM   15  H HG2  . MET A 1 1  ? 3.861  -10.780 8.651  1.00 0.00 ? 1  MET A HG2  1 
ATOM   16  H HG3  . MET A 1 1  ? 3.394  -11.346 7.020  1.00 0.00 ? 1  MET A HG3  1 
ATOM   17  H HE1  . MET A 1 1  ? 1.766  -12.680 8.500  1.00 0.00 ? 1  MET A HE1  1 
ATOM   18  H HE2  . MET A 1 1  ? 2.215  -14.042 9.584  1.00 0.00 ? 1  MET A HE2  1 
ATOM   19  H HE3  . MET A 1 1  ? 2.580  -12.354 10.072 1.00 0.00 ? 1  MET A HE3  1 
ATOM   20  N N    . GLU A 1 2  ? 3.741  -9.392  5.033  1.00 0.00 ? 2  GLU A N    1 
ATOM   21  C CA   . GLU A 1 2  ? 3.102  -8.905  3.847  1.00 0.00 ? 2  GLU A CA   1 
ATOM   22  C C    . GLU A 1 2  ? 3.656  -7.544  3.416  1.00 0.00 ? 2  GLU A C    1 
ATOM   23  O O    . GLU A 1 2  ? 4.363  -6.862  4.162  1.00 0.00 ? 2  GLU A O    1 
ATOM   24  C CB   . GLU A 1 2  ? 1.582  -8.777  4.154  1.00 0.00 ? 2  GLU A CB   1 
ATOM   25  C CG   . GLU A 1 2  ? 1.155  -7.661  5.168  1.00 0.00 ? 2  GLU A CG   1 
ATOM   26  C CD   . GLU A 1 2  ? 1.375  -7.871  6.667  1.00 0.00 ? 2  GLU A CD   1 
ATOM   27  O OE1  . GLU A 1 2  ? 2.350  -8.543  7.101  1.00 0.00 ? 2  GLU A OE1  1 
ATOM   28  O OE2  . GLU A 1 2  ? 0.564  -7.299  7.440  1.00 0.00 ? 2  GLU A OE2  1 
ATOM   29  H H    . GLU A 1 2  ? 3.142  -9.241  5.832  1.00 0.00 ? 2  GLU A H    1 
ATOM   30  H HA   . GLU A 1 2  ? 3.267  -9.606  3.039  1.00 0.00 ? 2  GLU A HA   1 
ATOM   31  H HB2  . GLU A 1 2  ? 1.063  -8.562  3.189  1.00 0.00 ? 2  GLU A HB2  1 
ATOM   32  H HB3  . GLU A 1 2  ? 1.203  -9.760  4.509  1.00 0.00 ? 2  GLU A HB3  1 
ATOM   33  H HG2  . GLU A 1 2  ? 1.622  -6.693  4.898  1.00 0.00 ? 2  GLU A HG2  1 
ATOM   34  H HG3  . GLU A 1 2  ? 0.058  -7.530  5.039  1.00 0.00 ? 2  GLU A HG3  1 
ATOM   35  N N    . GLU A 1 3  ? 3.326  -7.128  2.189  1.00 0.00 ? 3  GLU A N    1 
ATOM   36  C CA   . GLU A 1 3  ? 3.598  -5.838  1.610  1.00 0.00 ? 3  GLU A CA   1 
ATOM   37  C C    . GLU A 1 3  ? 2.470  -4.887  1.938  1.00 0.00 ? 3  GLU A C    1 
ATOM   38  O O    . GLU A 1 3  ? 2.645  -3.752  2.400  1.00 0.00 ? 3  GLU A O    1 
ATOM   39  C CB   . GLU A 1 3  ? 3.806  -5.958  0.068  1.00 0.00 ? 3  GLU A CB   1 
ATOM   40  C CG   . GLU A 1 3  ? 3.393  -7.304  -0.610 1.00 0.00 ? 3  GLU A CG   1 
ATOM   41  C CD   . GLU A 1 3  ? 1.899  -7.611  -0.594 1.00 0.00 ? 3  GLU A CD   1 
ATOM   42  O OE1  . GLU A 1 3  ? 1.378  -7.884  0.520  1.00 0.00 ? 3  GLU A OE1  1 
ATOM   43  O OE2  . GLU A 1 3  ? 1.272  -7.578  -1.674 1.00 0.00 ? 3  GLU A OE2  1 
ATOM   44  H H    . GLU A 1 3  ? 2.718  -7.672  1.587  1.00 0.00 ? 3  GLU A H    1 
ATOM   45  H HA   . GLU A 1 3  ? 4.454  -5.417  2.073  1.00 0.00 ? 3  GLU A HA   1 
ATOM   46  H HB2  . GLU A 1 3  ? 3.294  -5.130  -0.468 1.00 0.00 ? 3  GLU A HB2  1 
ATOM   47  H HB3  . GLU A 1 3  ? 4.896  -5.850  -0.121 1.00 0.00 ? 3  GLU A HB3  1 
ATOM   48  H HG2  . GLU A 1 3  ? 3.688  -7.260  -1.680 1.00 0.00 ? 3  GLU A HG2  1 
ATOM   49  H HG3  . GLU A 1 3  ? 3.923  -8.160  -0.149 1.00 0.00 ? 3  GLU A HG3  1 
ATOM   50  N N    . LEU A 1 4  ? 1.255  -5.369  1.714  1.00 0.00 ? 4  LEU A N    1 
ATOM   51  C CA   . LEU A 1 4  ? 0.024  -4.670  1.907  1.00 0.00 ? 4  LEU A CA   1 
ATOM   52  C C    . LEU A 1 4  ? -0.307 -4.425  3.399  1.00 0.00 ? 4  LEU A C    1 
ATOM   53  O O    . LEU A 1 4  ? -0.875 -5.226  4.147  1.00 0.00 ? 4  LEU A O    1 
ATOM   54  C CB   . LEU A 1 4  ? -1.111 -5.276  1.031  1.00 0.00 ? 4  LEU A CB   1 
ATOM   55  C CG   . LEU A 1 4  ? -2.142 -4.256  0.480  1.00 0.00 ? 4  LEU A CG   1 
ATOM   56  C CD1  . LEU A 1 4  ? -2.488 -3.246  1.542  1.00 0.00 ? 4  LEU A CD1  1 
ATOM   57  C CD2  . LEU A 1 4  ? -1.697 -3.379  -0.701 1.00 0.00 ? 4  LEU A CD2  1 
ATOM   58  H H    . LEU A 1 4  ? 1.215  -6.279  1.290  1.00 0.00 ? 4  LEU A H    1 
ATOM   59  H HA   . LEU A 1 4  ? 0.197  -3.706  1.470  1.00 0.00 ? 4  LEU A HA   1 
ATOM   60  H HB2  . LEU A 1 4  ? -0.646 -5.791  0.157  1.00 0.00 ? 4  LEU A HB2  1 
ATOM   61  H HB3  . LEU A 1 4  ? -1.633 -6.062  1.618  1.00 0.00 ? 4  LEU A HB3  1 
ATOM   62  H HG   . LEU A 1 4  ? -3.055 -4.819  0.177  1.00 0.00 ? 4  LEU A HG   1 
ATOM   63  H HD11 . LEU A 1 4  ? -2.777 -3.723  2.492  1.00 0.00 ? 4  LEU A HD11 1 
ATOM   64  H HD12 . LEU A 1 4  ? -1.592 -2.609  1.693  1.00 0.00 ? 4  LEU A HD12 1 
ATOM   65  H HD13 . LEU A 1 4  ? -3.284 -2.598  1.150  1.00 0.00 ? 4  LEU A HD13 1 
ATOM   66  H HD21 . LEU A 1 4  ? -0.604 -3.429  -0.846 1.00 0.00 ? 4  LEU A HD21 1 
ATOM   67  H HD22 . LEU A 1 4  ? -2.204 -3.651  -1.646 1.00 0.00 ? 4  LEU A HD22 1 
ATOM   68  H HD23 . LEU A 1 4  ? -1.940 -2.303  -0.512 1.00 0.00 ? 4  LEU A HD23 1 
ATOM   69  N N    . GLN A 1 5  ? 0.046  -3.217  3.878  1.00 0.00 ? 5  GLN A N    1 
ATOM   70  C CA   . GLN A 1 5  ? -0.147 -2.754  5.213  1.00 0.00 ? 5  GLN A CA   1 
ATOM   71  C C    . GLN A 1 5  ? -1.415 -1.904  5.330  1.00 0.00 ? 5  GLN A C    1 
ATOM   72  O O    . GLN A 1 5  ? -2.433 -2.209  4.713  1.00 0.00 ? 5  GLN A O    1 
ATOM   73  C CB   . GLN A 1 5  ? 1.162  -2.025  5.592  1.00 0.00 ? 5  GLN A CB   1 
ATOM   74  C CG   . GLN A 1 5  ? 1.495  -0.747  4.784  1.00 0.00 ? 5  GLN A CG   1 
ATOM   75  C CD   . GLN A 1 5  ? 2.999  -0.524  4.631  1.00 0.00 ? 5  GLN A CD   1 
ATOM   76  O OE1  . GLN A 1 5  ? 3.545  0.426   5.187  1.00 0.00 ? 5  GLN A OE1  1 
ATOM   77  N NE2  . GLN A 1 5  ? 3.676  -1.395  3.854  1.00 0.00 ? 5  GLN A NE2  1 
ATOM   78  H H    . GLN A 1 5  ? 0.706  -2.665  3.389  1.00 0.00 ? 5  GLN A H    1 
ATOM   79  H HA   . GLN A 1 5  ? -0.258 -3.588  5.881  1.00 0.00 ? 5  GLN A HA   1 
ATOM   80  H HB2  . GLN A 1 5  ? 1.141  -1.790  6.665  1.00 0.00 ? 5  GLN A HB2  1 
ATOM   81  H HB3  . GLN A 1 5  ? 1.980  -2.774  5.458  1.00 0.00 ? 5  GLN A HB3  1 
ATOM   82  H HG2  . GLN A 1 5  ? 1.059  -0.768  3.771  1.00 0.00 ? 5  GLN A HG2  1 
ATOM   83  H HG3  . GLN A 1 5  ? 1.085  0.146   5.299  1.00 0.00 ? 5  GLN A HG3  1 
ATOM   84  H HE21 . GLN A 1 5  ? 3.224  -2.193  3.448  1.00 0.00 ? 5  GLN A HE21 1 
ATOM   85  H HE22 . GLN A 1 5  ? 4.653  -1.243  3.757  1.00 0.00 ? 5  GLN A HE22 1 
ATOM   86  N N    . ASP A 1 6  ? -1.435 -0.841  6.151  1.00 0.00 ? 6  ASP A N    1 
ATOM   87  C CA   . ASP A 1 6  ? -2.672 -0.502  6.834  1.00 0.00 ? 6  ASP A CA   1 
ATOM   88  C C    . ASP A 1 6  ? -3.194 0.895   6.466  1.00 0.00 ? 6  ASP A C    1 
ATOM   89  O O    . ASP A 1 6  ? -4.391 1.165   6.509  1.00 0.00 ? 6  ASP A O    1 
ATOM   90  C CB   . ASP A 1 6  ? -2.435 -0.721  8.347  1.00 0.00 ? 6  ASP A CB   1 
ATOM   91  C CG   . ASP A 1 6  ? -2.401 -2.208  8.667  1.00 0.00 ? 6  ASP A CG   1 
ATOM   92  O OD1  . ASP A 1 6  ? -1.588 -2.983  8.095  1.00 0.00 ? 6  ASP A OD1  1 
ATOM   93  O OD2  . ASP A 1 6  ? -3.243 -2.629  9.491  1.00 0.00 ? 6  ASP A OD2  1 
ATOM   94  H H    . ASP A 1 6  ? -0.602 -0.596  6.630  1.00 0.00 ? 6  ASP A H    1 
ATOM   95  H HA   . ASP A 1 6  ? -3.474 -1.163  6.561  1.00 0.00 ? 6  ASP A HA   1 
ATOM   96  H HB2  . ASP A 1 6  ? -1.487 -0.258  8.670  1.00 0.00 ? 6  ASP A HB2  1 
ATOM   97  H HB3  . ASP A 1 6  ? -3.270 -0.276  8.933  1.00 0.00 ? 6  ASP A HB3  1 
ATOM   98  N N    . ASP A 1 7  ? -2.321 1.789   5.962  1.00 0.00 ? 7  ASP A N    1 
ATOM   99  C CA   . ASP A 1 7  ? -2.744 2.901   5.118  1.00 0.00 ? 7  ASP A CA   1 
ATOM   100 C C    . ASP A 1 7  ? -2.373 2.583   3.671  1.00 0.00 ? 7  ASP A C    1 
ATOM   101 O O    . ASP A 1 7  ? -1.651 3.312   2.995  1.00 0.00 ? 7  ASP A O    1 
ATOM   102 C CB   . ASP A 1 7  ? -2.109 4.221   5.598  1.00 0.00 ? 7  ASP A CB   1 
ATOM   103 C CG   . ASP A 1 7  ? -2.737 4.569   6.918  1.00 0.00 ? 7  ASP A CG   1 
ATOM   104 O OD1  . ASP A 1 7  ? -3.960 4.870   6.941  1.00 0.00 ? 7  ASP A OD1  1 
ATOM   105 O OD2  . ASP A 1 7  ? -2.024 4.548   7.949  1.00 0.00 ? 7  ASP A OD2  1 
ATOM   106 H H    . ASP A 1 7  ? -1.348 1.603   5.988  1.00 0.00 ? 7  ASP A H    1 
ATOM   107 H HA   . ASP A 1 7  ? -3.823 3.001   5.124  1.00 0.00 ? 7  ASP A HA   1 
ATOM   108 H HB2  . ASP A 1 7  ? -1.013 4.121   5.719  1.00 0.00 ? 7  ASP A HB2  1 
ATOM   109 H HB3  . ASP A 1 7  ? -2.326 5.052   4.894  1.00 0.00 ? 7  ASP A HB3  1 
ATOM   110 N N    . TYR A 1 8  ? -2.814 1.408   3.200  1.00 0.00 ? 8  TYR A N    1 
ATOM   111 C CA   . TYR A 1 8  ? -2.434 0.842   1.939  1.00 0.00 ? 8  TYR A CA   1 
ATOM   112 C C    . TYR A 1 8  ? -3.637 0.135   1.335  1.00 0.00 ? 8  TYR A C    1 
ATOM   113 O O    . TYR A 1 8  ? -4.279 -0.726  1.931  1.00 0.00 ? 8  TYR A O    1 
ATOM   114 C CB   . TYR A 1 8  ? -1.133 0.041   2.149  1.00 0.00 ? 8  TYR A CB   1 
ATOM   115 C CG   . TYR A 1 8  ? -0.413 -0.350  0.894  1.00 0.00 ? 8  TYR A CG   1 
ATOM   116 C CD1  . TYR A 1 8  ? -0.730 0.130   -0.383 1.00 0.00 ? 8  TYR A CD1  1 
ATOM   117 C CD2  . TYR A 1 8  ? 0.619  -1.283  0.998  1.00 0.00 ? 8  TYR A CD2  1 
ATOM   118 C CE1  . TYR A 1 8  ? -0.104 -0.377  -1.511 1.00 0.00 ? 8  TYR A CE1  1 
ATOM   119 C CE2  . TYR A 1 8  ? 1.250  -1.794  -0.136 1.00 0.00 ? 8  TYR A CE2  1 
ATOM   120 C CZ   . TYR A 1 8  ? 0.914  -1.318  -1.403 1.00 0.00 ? 8  TYR A CZ   1 
ATOM   121 O OH   . TYR A 1 8  ? 1.560  -1.796  -2.553 1.00 0.00 ? 8  TYR A OH   1 
ATOM   122 H H    . TYR A 1 8  ? -3.441 0.833   3.720  1.00 0.00 ? 8  TYR A H    1 
ATOM   123 H HA   . TYR A 1 8  ? -2.150 1.552   1.186  1.00 0.00 ? 8  TYR A HA   1 
ATOM   124 H HB2  . TYR A 1 8  ? -0.417 0.686   2.704  1.00 0.00 ? 8  TYR A HB2  1 
ATOM   125 H HB3  . TYR A 1 8  ? -1.340 -0.863  2.753  1.00 0.00 ? 8  TYR A HB3  1 
ATOM   126 H HD1  . TYR A 1 8  ? -1.451 0.899   -0.571 1.00 0.00 ? 8  TYR A HD1  1 
ATOM   127 H HD2  . TYR A 1 8  ? 0.893  -1.675  1.949  1.00 0.00 ? 8  TYR A HD2  1 
ATOM   128 H HE1  . TYR A 1 8  ? -0.476 -0.039  -2.452 1.00 0.00 ? 8  TYR A HE1  1 
ATOM   129 H HE2  . TYR A 1 8  ? 1.913  -2.623  -0.018 1.00 0.00 ? 8  TYR A HE2  1 
ATOM   130 H HH   . TYR A 1 8  ? 1.309  -1.191  -3.297 1.00 0.00 ? 8  TYR A HH   1 
ATOM   131 N N    . GLU A 1 9  ? -3.946 0.532   0.105  1.00 0.00 ? 9  GLU A N    1 
ATOM   132 C CA   . GLU A 1 9  ? -4.412 -0.311  -0.958 1.00 0.00 ? 9  GLU A CA   1 
ATOM   133 C C    . GLU A 1 9  ? -3.720 0.338   -2.127 1.00 0.00 ? 9  GLU A C    1 
ATOM   134 O O    . GLU A 1 9  ? -3.228 1.458   -1.973 1.00 0.00 ? 9  GLU A O    1 
ATOM   135 C CB   . GLU A 1 9  ? -5.946 -0.327  -1.168 1.00 0.00 ? 9  GLU A CB   1 
ATOM   136 C CG   . GLU A 1 9  ? -6.574 1.022   -1.618 1.00 0.00 ? 9  GLU A CG   1 
ATOM   137 C CD   . GLU A 1 9  ? -7.725 1.442   -0.729 1.00 0.00 ? 9  GLU A CD   1 
ATOM   138 O OE1  . GLU A 1 9  ? -8.699 0.657   -0.586 1.00 0.00 ? 9  GLU A OE1  1 
ATOM   139 O OE2  . GLU A 1 9  ? -7.611 2.520   -0.096 1.00 0.00 ? 9  GLU A OE2  1 
ATOM   140 H H    . GLU A 1 9  ? -3.598 1.397   -0.256 1.00 0.00 ? 9  GLU A H    1 
ATOM   141 H HA   . GLU A 1 9  ? -3.996 -1.300  -0.818 1.00 0.00 ? 9  GLU A HA   1 
ATOM   142 H HB2  . GLU A 1 9  ? -6.198 -1.090  -1.942 1.00 0.00 ? 9  GLU A HB2  1 
ATOM   143 H HB3  . GLU A 1 9  ? -6.407 -0.664  -0.216 1.00 0.00 ? 9  GLU A HB3  1 
ATOM   144 H HG2  . GLU A 1 9  ? -5.830 1.846   -1.585 1.00 0.00 ? 9  GLU A HG2  1 
ATOM   145 H HG3  . GLU A 1 9  ? -6.956 0.940   -2.656 1.00 0.00 ? 9  GLU A HG3  1 
ATOM   146 N N    . ASP A 1 10 ? -3.626 -0.344  -3.265 1.00 0.00 ? 10 ASP A N    1 
ATOM   147 C CA   . ASP A 1 10 ? -2.832 -0.074  -4.446 1.00 0.00 ? 10 ASP A CA   1 
ATOM   148 C C    . ASP A 1 10 ? -3.196 1.212   -5.234 1.00 0.00 ? 10 ASP A C    1 
ATOM   149 O O    . ASP A 1 10 ? -3.303 1.277   -6.458 1.00 0.00 ? 10 ASP A O    1 
ATOM   150 C CB   . ASP A 1 10 ? -2.840 -1.396  -5.293 1.00 0.00 ? 10 ASP A CB   1 
ATOM   151 C CG   . ASP A 1 10 ? -4.129 -2.218  -5.204 1.00 0.00 ? 10 ASP A CG   1 
ATOM   152 O OD1  . ASP A 1 10 ? -4.457 -2.691  -4.075 1.00 0.00 ? 10 ASP A OD1  1 
ATOM   153 O OD2  . ASP A 1 10 ? -4.800 -2.393  -6.246 1.00 0.00 ? 10 ASP A OD2  1 
ATOM   154 H H    . ASP A 1 10 ? -4.078 -1.248  -3.374 1.00 0.00 ? 10 ASP A H    1 
ATOM   155 H HA   . ASP A 1 10 ? -1.808 0.113   -4.104 1.00 0.00 ? 10 ASP A HA   1 
ATOM   156 H HB2  . ASP A 1 10 ? -2.631 -1.183  -6.358 1.00 0.00 ? 10 ASP A HB2  1 
ATOM   157 H HB3  . ASP A 1 10 ? -2.036 -2.057  -4.908 1.00 0.00 ? 10 ASP A HB3  1 
ATOM   158 N N    . MET A 1 11 ? -3.330 2.320   -4.489 1.00 0.00 ? 11 MET A N    1 
ATOM   159 C CA   . MET A 1 11 ? -3.497 3.677   -4.944 1.00 0.00 ? 11 MET A CA   1 
ATOM   160 C C    . MET A 1 11 ? -2.720 4.612   -4.001 1.00 0.00 ? 11 MET A C    1 
ATOM   161 O O    . MET A 1 11 ? -3.113 5.745   -3.723 1.00 0.00 ? 11 MET A O    1 
ATOM   162 C CB   . MET A 1 11 ? -5.017 3.994   -5.004 1.00 0.00 ? 11 MET A CB   1 
ATOM   163 C CG   . MET A 1 11 ? -5.387 5.263   -5.796 1.00 0.00 ? 11 MET A CG   1 
ATOM   164 S SD   . MET A 1 11 ? -7.176 5.569   -5.939 1.00 0.00 ? 11 MET A SD   1 
ATOM   165 C CE   . MET A 1 11 ? -7.506 5.821   -4.170 1.00 0.00 ? 11 MET A CE   1 
ATOM   166 H H    . MET A 1 11 ? -3.247 2.173   -3.498 1.00 0.00 ? 11 MET A H    1 
ATOM   167 H HA   . MET A 1 11 ? -3.055 3.769   -5.926 1.00 0.00 ? 11 MET A HA   1 
ATOM   168 H HB2  . MET A 1 11 ? -5.507 3.128   -5.506 1.00 0.00 ? 11 MET A HB2  1 
ATOM   169 H HB3  . MET A 1 11 ? -5.413 4.037   -3.969 1.00 0.00 ? 11 MET A HB3  1 
ATOM   170 H HG2  . MET A 1 11 ? -4.901 6.143   -5.321 1.00 0.00 ? 11 MET A HG2  1 
ATOM   171 H HG3  . MET A 1 11 ? -4.948 5.168   -6.814 1.00 0.00 ? 11 MET A HG3  1 
ATOM   172 H HE1  . MET A 1 11 ? -6.778 6.528   -3.721 1.00 0.00 ? 11 MET A HE1  1 
ATOM   173 H HE2  . MET A 1 11 ? -8.529 6.226   -4.012 1.00 0.00 ? 11 MET A HE2  1 
ATOM   174 H HE3  . MET A 1 11 ? -7.439 4.863   -3.608 1.00 0.00 ? 11 MET A HE3  1 
ATOM   175 N N    . MET A 1 12 ? -1.567 4.137   -3.476 1.00 0.00 ? 12 MET A N    1 
ATOM   176 C CA   . MET A 1 12 ? -0.545 4.992   -2.868 1.00 0.00 ? 12 MET A CA   1 
ATOM   177 C C    . MET A 1 12 ? 0.681  5.067   -3.772 1.00 0.00 ? 12 MET A C    1 
ATOM   178 O O    . MET A 1 12 ? 1.574  5.907   -3.631 1.00 0.00 ? 12 MET A O    1 
ATOM   179 C CB   . MET A 1 12 ? -0.136 4.509   -1.452 1.00 0.00 ? 12 MET A CB   1 
ATOM   180 C CG   . MET A 1 12 ? 0.737  3.249   -1.327 1.00 0.00 ? 12 MET A CG   1 
ATOM   181 S SD   . MET A 1 12 ? 1.110  2.882   0.420  1.00 0.00 ? 12 MET A SD   1 
ATOM   182 C CE   . MET A 1 12 ? 2.554  1.846   0.068  1.00 0.00 ? 12 MET A CE   1 
ATOM   183 H H    . MET A 1 12 ? -1.299 3.176   -3.633 1.00 0.00 ? 12 MET A H    1 
ATOM   184 H HA   . MET A 1 12 ? -0.920 6.003   -2.781 1.00 0.00 ? 12 MET A HA   1 
ATOM   185 H HB2  . MET A 1 12 ? 0.462  5.330   -0.991 1.00 0.00 ? 12 MET A HB2  1 
ATOM   186 H HB3  . MET A 1 12 ? -1.064 4.385   -0.852 1.00 0.00 ? 12 MET A HB3  1 
ATOM   187 H HG2  . MET A 1 12 ? 0.231  2.389   -1.816 1.00 0.00 ? 12 MET A HG2  1 
ATOM   188 H HG3  . MET A 1 12 ? 1.689  3.415   -1.879 1.00 0.00 ? 12 MET A HG3  1 
ATOM   189 H HE1  . MET A 1 12 ? 2.320  1.094   -0.717 1.00 0.00 ? 12 MET A HE1  1 
ATOM   190 H HE2  . MET A 1 12 ? 3.400  2.469   -0.293 1.00 0.00 ? 12 MET A HE2  1 
ATOM   191 H HE3  . MET A 1 12 ? 2.884  1.305   0.978  1.00 0.00 ? 12 MET A HE3  1 
ATOM   192 N N    . GLU A 1 13 ? 0.693  4.122   -4.714 1.00 0.00 ? 13 GLU A N    1 
ATOM   193 C CA   . GLU A 1 13 ? 1.612  3.732   -5.740 1.00 0.00 ? 13 GLU A CA   1 
ATOM   194 C C    . GLU A 1 13 ? 2.338  4.833   -6.524 1.00 0.00 ? 13 GLU A C    1 
ATOM   195 O O    . GLU A 1 13 ? 3.496  4.678   -6.909 1.00 0.00 ? 13 GLU A O    1 
ATOM   196 C CB   . GLU A 1 13 ? 0.830  2.822   -6.727 1.00 0.00 ? 13 GLU A CB   1 
ATOM   197 C CG   . GLU A 1 13 ? 0.865  1.311   -6.356 1.00 0.00 ? 13 GLU A CG   1 
ATOM   198 C CD   . GLU A 1 13 ? 0.492  0.964   -4.921 1.00 0.00 ? 13 GLU A CD   1 
ATOM   199 O OE1  . GLU A 1 13 ? -0.290 1.718   -4.284 1.00 0.00 ? 13 GLU A OE1  1 
ATOM   200 O OE2  . GLU A 1 13 ? 0.984  -0.084  -4.434 1.00 0.00 ? 13 GLU A OE2  1 
ATOM   201 H H    . GLU A 1 13 ? 0.007  3.394   -4.608 1.00 0.00 ? 13 GLU A H    1 
ATOM   202 H HA   . GLU A 1 13 ? 2.295  3.055   -5.249 1.00 0.00 ? 13 GLU A HA   1 
ATOM   203 H HB2  . GLU A 1 13 ? -0.227 3.167   -6.766 1.00 0.00 ? 13 GLU A HB2  1 
ATOM   204 H HB3  . GLU A 1 13 ? 1.248  2.906   -7.755 1.00 0.00 ? 13 GLU A HB3  1 
ATOM   205 H HG2  . GLU A 1 13 ? 0.176  0.744   -7.014 1.00 0.00 ? 13 GLU A HG2  1 
ATOM   206 H HG3  . GLU A 1 13 ? 1.894  0.922   -6.512 1.00 0.00 ? 13 GLU A HG3  1 
ATOM   207 N N    . GLU A 1 14 ? 1.659  5.947   -6.874 1.00 0.00 ? 14 GLU A N    1 
ATOM   208 C CA   . GLU A 1 14 ? 2.004  6.785   -7.977 1.00 0.00 ? 14 GLU A CA   1 
ATOM   209 C C    . GLU A 1 14 ? 2.928  7.941   -7.650 1.00 0.00 ? 14 GLU A C    1 
ATOM   210 O O    . GLU A 1 14 ? 3.799  8.336   -8.424 1.00 0.00 ? 14 GLU A O    1 
ATOM   211 C CB   . GLU A 1 14 ? 0.639  7.242   -8.555 1.00 0.00 ? 14 GLU A CB   1 
ATOM   212 C CG   . GLU A 1 14 ? -0.137 8.406   -7.855 1.00 0.00 ? 14 GLU A CG   1 
ATOM   213 C CD   . GLU A 1 14 ? -0.625 8.294   -6.410 1.00 0.00 ? 14 GLU A CD   1 
ATOM   214 O OE1  . GLU A 1 14 ? -0.347 7.288   -5.732 1.00 0.00 ? 14 GLU A OE1  1 
ATOM   215 O OE2  . GLU A 1 14 ? -1.255 9.275   -5.930 1.00 0.00 ? 14 GLU A OE2  1 
ATOM   216 H H    . GLU A 1 14 ? 0.765  6.257   -6.497 1.00 0.00 ? 14 GLU A H    1 
ATOM   217 H HA   . GLU A 1 14 ? 2.535  6.195   -8.694 1.00 0.00 ? 14 GLU A HA   1 
ATOM   218 H HB2  . GLU A 1 14 ? 0.828  7.563   -9.595 1.00 0.00 ? 14 GLU A HB2  1 
ATOM   219 H HB3  . GLU A 1 14 ? -0.030 6.354   -8.609 1.00 0.00 ? 14 GLU A HB3  1 
ATOM   220 H HG2  . GLU A 1 14 ? 0.502  9.307   -7.881 1.00 0.00 ? 14 GLU A HG2  1 
ATOM   221 H HG3  . GLU A 1 14 ? -1.051 8.585   -8.449 1.00 0.00 ? 14 GLU A HG3  1 
ATOM   222 N N    . ASN A 1 15 ? 2.744  8.518   -6.467 1.00 0.00 ? 15 ASN A N    1 
ATOM   223 C CA   . ASN A 1 15 ? 3.320  9.797   -6.078 1.00 0.00 ? 15 ASN A CA   1 
ATOM   224 C C    . ASN A 1 15 ? 4.738  9.653   -5.436 1.00 0.00 ? 15 ASN A C    1 
ATOM   225 O O    . ASN A 1 15 ? 4.997  10.020  -4.289 1.00 0.00 ? 15 ASN A O    1 
ATOM   226 C CB   . ASN A 1 15 ? 2.327  10.481  -5.107 1.00 0.00 ? 15 ASN A CB   1 
ATOM   227 C CG   . ASN A 1 15 ? 2.417  11.998  -5.117 1.00 0.00 ? 15 ASN A CG   1 
ATOM   228 O OD1  . ASN A 1 15 ? 3.284  12.615  -5.734 1.00 0.00 ? 15 ASN A OD1  1 
ATOM   229 N ND2  . ASN A 1 15 ? 1.450  12.644  -4.425 1.00 0.00 ? 15 ASN A ND2  1 
ATOM   230 H H    . ASN A 1 15 ? 2.065  8.058   -5.898 1.00 0.00 ? 15 ASN A H    1 
ATOM   231 H HA   . ASN A 1 15 ? 3.428  10.403  -6.969 1.00 0.00 ? 15 ASN A HA   1 
ATOM   232 H HB2  . ASN A 1 15 ? 1.295  10.207  -5.413 1.00 0.00 ? 15 ASN A HB2  1 
ATOM   233 H HB3  . ASN A 1 15 ? 2.501  10.109  -4.078 1.00 0.00 ? 15 ASN A HB3  1 
ATOM   234 H HD21 . ASN A 1 15 ? 0.719  12.123  -3.985 1.00 0.00 ? 15 ASN A HD21 1 
ATOM   235 H HD22 . ASN A 1 15 ? 1.395  13.633  -4.508 1.00 0.00 ? 15 ASN A HD22 1 
HETATM 236 N N    . NH2 A 1 16 ? 5.694  9.082   -6.206 1.00 0.00 ? 16 NH2 A N    1 
HETATM 237 H HN1  . NH2 A 1 16 ? 5.419  8.727   -7.101 1.00 0.00 ? 16 NH2 A HN1  1 
HETATM 238 H HN2  . NH2 A 1 16 ? 6.590  8.961   -5.797 1.00 0.00 ? 16 NH2 A HN2  1 
# 
